data_8CSZ
#
_entry.id   8CSZ
#
_cell.length_a   1.00
_cell.length_b   1.00
_cell.length_c   1.00
_cell.angle_alpha   90.00
_cell.angle_beta   90.00
_cell.angle_gamma   90.00
#
_symmetry.space_group_name_H-M   'P 1'
#
loop_
_entity.id
_entity.type
_entity.pdbx_description
1 polymer IscB
2 polymer 'RNA (222-MER)'
3 polymer 'DNA target strand'
4 polymer 'DNA non-target strand'
5 non-polymer 'MAGNESIUM ION'
6 non-polymer 'ZINC ION'
#
loop_
_entity_poly.entity_id
_entity_poly.type
_entity_poly.pdbx_seq_one_letter_code
_entity_poly.pdbx_strand_id
1 'polypeptide(L)'
;MMAVVYVISKSGKPLMPTTRCGHVRILLKEGKARVVERKPFTIQLTYESAEETQPLVLGIDPGRTNIGMSVVTESGESVF
NAQIETRNKDVPKLMKDRKQYRMAHRRLKRRCKRRRRAKAAGTAFEEGEKQRLLPGCFKPITCKSIRNKEARFNNRKRPV
GWLTPTANHLLVTHLNVVKKVQKILPVAKVVLELNRFSFMAMNNPKVQRWQYQRGPLYGKGSVEEAVSMQQDGHCLFCKH
GIDHYHHVVPRRKNGSETLENRVGLCEEHHRLVHTDKEWEANLASKKSGMNKKYHALSVLNQIIPYLADQLADMFPGNFC
VTSGQDTYLFREEHGIPKDHYLDAYCIACSALTDAKKVSSPKGRPYMVHQFRRHDRQACHKANLNRSYYMGGKLVATNRH
KAMDQKTDSLEEYRAAHSAADVSKLTVKHPSAQYKDMSRIMPGSILVSGEGKLFTLSRSEGRNKGQVNYFVSTEGIKYWA
RKCQYLRNNGGLQIYV
;
D
2 'polyribonucleotide'
;AAAAGAGUGAACGAGAGGCUCUUCCAACUUUAUGGUUGCGACCGUAGGUUGAAAGAGCACAGGCUGAGACAUUCGUAAGG
CCGAAAGACCGGACGCACCCUGGGAUUUCCCCAGUCCCCGGAACUGCAUAGCGGAUGCCAGUUGAUGGAGCAAUCUAUCA
GAUAAGCCAGGGGGAACAAUCACCUCUCUGUAUCAGAGAGAGUUUUACAAAAGGAGGAACGG
;
C
3 'polydeoxyribonucleotide'
;(DG)(DC)(DC)(DA)(DC)(DG)(DG)(DG)(DC)(DT)(DG)(DA)(DC)(DC)(DT)(DC)(DG)(DA)(DC)(DT)
(DT)(DC)(DT)(DA)(DG)(DT)(DC)(DT)(DC)(DG)(DT)(DT)(DC)(DA)(DC)(DT)(DC)(DT)(DT)(DT)
(DT)(DG)(DC)(DC)(DG)(DT)(DA)(DC)(DC)(DC)(DT)(DC)(DG)(DT)(DG)(DG)(DG)(DG)(DC)(DC)
;
B
4 'polydeoxyribonucleotide'
;(DG)(DG)(DC)(DC)(DC)(DC)(DA)(DC)(DG)(DA)(DG)(DG)(DG)(DT)(DA)(DC)(DG)(DG)(DC)(DA)
(DA)(DA)(DA)(DG)(DA)(DG)(DT)(DG)(DA)(DA)(DC)(DG)(DA)(DG)(DA)(DC)(DT)(DA)(DG)(DA)
(DA)(DG)(DT)(DC)(DG)(DA)(DG)(DG)(DT)(DC)(DA)(DG)(DC)(DC)(DC)(DG)(DT)(DG)(DG)(DC)
;
E
#
loop_
_chem_comp.id
_chem_comp.type
_chem_comp.name
_chem_comp.formula
A RNA linking ADENOSINE-5'-MONOPHOSPHATE 'C10 H14 N5 O7 P'
C RNA linking CYTIDINE-5'-MONOPHOSPHATE 'C9 H14 N3 O8 P'
DA DNA linking 2'-DEOXYADENOSINE-5'-MONOPHOSPHATE 'C10 H14 N5 O6 P'
DC DNA linking 2'-DEOXYCYTIDINE-5'-MONOPHOSPHATE 'C9 H14 N3 O7 P'
DG DNA linking 2'-DEOXYGUANOSINE-5'-MONOPHOSPHATE 'C10 H14 N5 O7 P'
DT DNA linking THYMIDINE-5'-MONOPHOSPHATE 'C10 H15 N2 O8 P'
G RNA linking GUANOSINE-5'-MONOPHOSPHATE 'C10 H14 N5 O8 P'
MG non-polymer 'MAGNESIUM ION' 'Mg 2'
U RNA linking URIDINE-5'-MONOPHOSPHATE 'C9 H13 N2 O9 P'
ZN non-polymer 'ZINC ION' 'Zn 2'
#
# COMPACT_ATOMS: atom_id res chain seq x y z
N MET A 2 11.58 -11.65 -33.84
CA MET A 2 12.09 -10.93 -32.68
C MET A 2 10.95 -10.36 -31.84
N ALA A 3 10.83 -9.04 -31.82
CA ALA A 3 9.78 -8.40 -31.04
C ALA A 3 8.42 -8.66 -31.66
N VAL A 4 7.54 -9.30 -30.90
CA VAL A 4 6.22 -9.66 -31.40
C VAL A 4 5.37 -8.41 -31.50
N VAL A 5 4.49 -8.39 -32.49
CA VAL A 5 3.56 -7.28 -32.68
C VAL A 5 2.15 -7.82 -32.51
N TYR A 6 1.34 -7.12 -31.72
CA TYR A 6 0.01 -7.61 -31.41
C TYR A 6 -1.02 -7.02 -32.36
N VAL A 7 -2.04 -7.82 -32.66
CA VAL A 7 -3.00 -7.54 -33.72
C VAL A 7 -4.41 -7.60 -33.16
N ILE A 8 -5.29 -6.78 -33.73
CA ILE A 8 -6.73 -6.84 -33.45
C ILE A 8 -7.46 -6.73 -34.78
N SER A 9 -8.63 -7.37 -34.86
CA SER A 9 -9.39 -7.36 -36.10
C SER A 9 -10.18 -6.05 -36.25
N LYS A 10 -11.01 -6.00 -37.29
CA LYS A 10 -11.96 -4.89 -37.41
C LYS A 10 -12.81 -4.76 -36.16
N SER A 11 -13.45 -5.86 -35.75
CA SER A 11 -14.16 -5.90 -34.49
C SER A 11 -13.16 -5.94 -33.34
N GLY A 12 -13.62 -5.52 -32.16
CA GLY A 12 -12.72 -5.46 -31.03
C GLY A 12 -12.39 -6.83 -30.48
N LYS A 13 -11.75 -7.65 -31.32
CA LYS A 13 -11.36 -9.00 -30.97
C LYS A 13 -9.85 -9.14 -31.02
N PRO A 14 -9.18 -9.45 -29.92
CA PRO A 14 -7.75 -9.72 -29.98
C PRO A 14 -7.48 -10.94 -30.86
N LEU A 15 -6.25 -11.05 -31.33
CA LEU A 15 -5.93 -12.03 -32.35
C LEU A 15 -4.45 -12.37 -32.27
N MET A 16 -4.07 -13.45 -32.93
CA MET A 16 -2.72 -13.99 -32.78
C MET A 16 -1.68 -12.94 -33.13
N PRO A 17 -0.67 -12.73 -32.29
CA PRO A 17 0.34 -11.72 -32.58
C PRO A 17 1.18 -12.08 -33.79
N THR A 18 1.61 -11.05 -34.53
CA THR A 18 2.46 -11.23 -35.69
C THR A 18 3.89 -10.87 -35.33
N THR A 19 4.84 -11.44 -36.08
CA THR A 19 6.26 -11.19 -35.85
C THR A 19 7.00 -10.79 -37.11
N ARG A 20 6.30 -10.57 -38.23
CA ARG A 20 6.98 -10.24 -39.48
C ARG A 20 7.70 -8.90 -39.37
N CYS A 21 7.05 -7.91 -38.77
CA CYS A 21 7.65 -6.64 -38.38
C CYS A 21 7.97 -5.74 -39.56
N GLY A 22 7.85 -6.26 -40.78
CA GLY A 22 7.91 -5.41 -41.95
C GLY A 22 6.55 -5.25 -42.60
N HIS A 23 5.80 -6.34 -42.67
CA HIS A 23 4.42 -6.27 -43.11
C HIS A 23 3.63 -5.30 -42.26
N VAL A 24 4.01 -5.15 -41.00
CA VAL A 24 3.32 -4.20 -40.13
C VAL A 24 3.52 -2.77 -40.63
N ARG A 25 4.76 -2.40 -40.97
CA ARG A 25 4.99 -1.06 -41.49
C ARG A 25 4.32 -0.87 -42.83
N ILE A 26 4.32 -1.90 -43.68
CA ILE A 26 3.63 -1.79 -44.96
C ILE A 26 2.14 -1.55 -44.75
N LEU A 27 1.53 -2.31 -43.85
CA LEU A 27 0.10 -2.15 -43.59
C LEU A 27 -0.20 -0.80 -42.99
N LEU A 28 0.72 -0.26 -42.18
CA LEU A 28 0.49 1.03 -41.56
C LEU A 28 0.60 2.16 -42.58
N LYS A 29 1.61 2.10 -43.46
CA LYS A 29 1.75 3.13 -44.47
C LYS A 29 0.68 3.01 -45.54
N GLU A 30 0.10 1.82 -45.70
CA GLU A 30 -0.96 1.62 -46.69
C GLU A 30 -2.34 1.92 -46.14
N GLY A 31 -2.47 2.27 -44.86
CA GLY A 31 -3.75 2.55 -44.27
C GLY A 31 -4.54 1.33 -43.84
N LYS A 32 -4.02 0.13 -44.10
CA LYS A 32 -4.73 -1.09 -43.71
C LYS A 32 -4.70 -1.27 -42.20
N ALA A 33 -3.72 -0.70 -41.52
CA ALA A 33 -3.52 -0.89 -40.09
C ALA A 33 -3.53 0.45 -39.36
N ARG A 34 -3.99 0.43 -38.12
CA ARG A 34 -4.00 1.61 -37.26
C ARG A 34 -3.34 1.27 -35.94
N VAL A 35 -2.53 2.19 -35.43
CA VAL A 35 -1.86 1.98 -34.15
C VAL A 35 -2.83 2.24 -33.01
N VAL A 36 -2.82 1.36 -32.01
CA VAL A 36 -3.72 1.46 -30.87
C VAL A 36 -2.95 1.69 -29.57
N GLU A 37 -1.81 1.02 -29.39
CA GLU A 37 -1.00 1.22 -28.19
C GLU A 37 0.47 1.28 -28.57
N ARG A 38 1.15 2.32 -28.06
CA ARG A 38 2.59 2.46 -28.23
C ARG A 38 3.32 1.22 -27.78
N LYS A 39 3.21 0.89 -26.49
CA LYS A 39 3.94 -0.19 -25.86
C LYS A 39 3.00 -0.83 -24.85
N PRO A 40 2.60 -2.09 -25.07
CA PRO A 40 3.00 -2.94 -26.20
C PRO A 40 2.40 -2.49 -27.52
N PHE A 41 3.17 -2.65 -28.59
CA PHE A 41 2.78 -2.09 -29.87
C PHE A 41 1.62 -2.88 -30.47
N THR A 42 0.43 -2.28 -30.45
CA THR A 42 -0.77 -2.95 -30.92
C THR A 42 -1.27 -2.28 -32.20
N ILE A 43 -1.60 -3.09 -33.20
CA ILE A 43 -2.14 -2.61 -34.46
C ILE A 43 -3.52 -3.21 -34.66
N GLN A 44 -4.48 -2.38 -35.06
CA GLN A 44 -5.82 -2.84 -35.37
C GLN A 44 -6.02 -2.78 -36.88
N LEU A 45 -6.29 -3.93 -37.49
CA LEU A 45 -6.51 -4.01 -38.92
C LEU A 45 -7.71 -3.14 -39.29
N THR A 46 -7.56 -2.34 -40.34
CA THR A 46 -8.72 -1.60 -40.85
C THR A 46 -9.50 -2.45 -41.84
N TYR A 47 -8.81 -3.21 -42.67
CA TYR A 47 -9.46 -4.11 -43.61
C TYR A 47 -9.92 -5.39 -42.92
N GLU A 48 -11.05 -5.93 -43.36
CA GLU A 48 -11.59 -7.15 -42.78
C GLU A 48 -10.79 -8.36 -43.26
N SER A 49 -10.67 -9.35 -42.38
CA SER A 49 -10.02 -10.60 -42.71
C SER A 49 -10.55 -11.70 -41.80
N ALA A 50 -10.02 -12.90 -42.00
CA ALA A 50 -10.40 -14.02 -41.15
C ALA A 50 -9.91 -13.79 -39.73
N GLU A 51 -10.50 -14.53 -38.79
CA GLU A 51 -10.15 -14.40 -37.38
C GLU A 51 -9.71 -15.72 -36.77
N GLU A 52 -8.92 -16.50 -37.49
CA GLU A 52 -8.54 -17.83 -37.02
C GLU A 52 -7.42 -17.74 -35.99
N THR A 53 -7.75 -18.11 -34.74
CA THR A 53 -6.83 -18.00 -33.62
C THR A 53 -6.45 -19.38 -33.12
N GLN A 54 -5.59 -19.41 -32.10
CA GLN A 54 -5.20 -20.62 -31.41
C GLN A 54 -5.30 -20.44 -29.90
N PRO A 55 -5.42 -21.53 -29.15
CA PRO A 55 -5.37 -21.41 -27.69
C PRO A 55 -4.04 -20.86 -27.22
N LEU A 56 -4.11 -19.99 -26.20
CA LEU A 56 -2.93 -19.46 -25.54
C LEU A 56 -3.10 -19.63 -24.04
N VAL A 57 -2.04 -20.04 -23.36
CA VAL A 57 -2.05 -20.29 -21.93
C VAL A 57 -1.43 -19.10 -21.22
N LEU A 58 -2.18 -18.49 -20.32
CA LEU A 58 -1.69 -17.43 -19.46
C LEU A 58 -1.31 -18.03 -18.12
N GLY A 59 -0.14 -17.65 -17.60
CA GLY A 59 0.35 -18.15 -16.33
C GLY A 59 0.61 -16.99 -15.39
N ILE A 60 0.08 -17.12 -14.17
CA ILE A 60 0.07 -16.05 -13.19
C ILE A 60 0.91 -16.46 -11.99
N ASP A 61 1.84 -15.58 -11.60
CA ASP A 61 2.60 -15.68 -10.37
C ASP A 61 2.15 -14.54 -9.47
N PRO A 62 1.37 -14.80 -8.43
CA PRO A 62 0.77 -13.73 -7.64
C PRO A 62 1.81 -13.01 -6.80
N GLY A 63 1.32 -12.07 -6.00
CA GLY A 63 2.18 -11.29 -5.15
C GLY A 63 1.47 -10.04 -4.70
N ARG A 64 2.13 -9.28 -3.82
CA ARG A 64 1.52 -8.06 -3.33
C ARG A 64 2.09 -6.83 -4.04
N THR A 65 3.33 -6.91 -4.50
CA THR A 65 3.92 -5.83 -5.26
C THR A 65 4.68 -6.29 -6.50
N ASN A 66 4.72 -7.59 -6.78
CA ASN A 66 5.51 -8.05 -7.90
C ASN A 66 4.76 -9.15 -8.65
N ILE A 67 3.48 -8.90 -8.93
CA ILE A 67 2.70 -9.80 -9.77
C ILE A 67 3.42 -10.02 -11.09
N GLY A 68 3.27 -11.22 -11.65
CA GLY A 68 3.87 -11.45 -12.95
C GLY A 68 3.11 -12.44 -13.80
N MET A 69 2.78 -12.08 -15.05
CA MET A 69 2.08 -13.00 -15.91
C MET A 69 2.85 -13.21 -17.20
N SER A 70 2.72 -14.40 -17.76
CA SER A 70 3.40 -14.76 -19.00
C SER A 70 2.47 -15.60 -19.86
N VAL A 71 2.47 -15.36 -21.17
CA VAL A 71 1.58 -16.04 -22.10
C VAL A 71 2.43 -16.93 -23.01
N VAL A 72 1.95 -18.13 -23.26
CA VAL A 72 2.67 -19.10 -24.07
C VAL A 72 1.69 -19.79 -25.01
N THR A 73 2.23 -20.28 -26.13
CA THR A 73 1.42 -20.97 -27.14
C THR A 73 1.22 -22.43 -26.73
N GLU A 74 0.71 -23.24 -27.66
CA GLU A 74 0.53 -24.65 -27.39
C GLU A 74 1.84 -25.33 -26.99
N SER A 75 2.94 -24.88 -27.59
CA SER A 75 4.26 -25.33 -27.18
C SER A 75 4.92 -24.22 -26.36
N GLY A 76 6.17 -24.45 -25.98
CA GLY A 76 6.86 -23.52 -25.11
C GLY A 76 7.44 -22.31 -25.80
N GLU A 77 6.58 -21.49 -26.42
CA GLU A 77 7.00 -20.24 -27.02
C GLU A 77 6.29 -19.11 -26.31
N SER A 78 7.06 -18.13 -25.85
CA SER A 78 6.53 -17.03 -25.04
C SER A 78 6.19 -15.87 -25.96
N VAL A 79 4.95 -15.39 -25.89
CA VAL A 79 4.52 -14.26 -26.69
C VAL A 79 4.27 -13.01 -25.85
N PHE A 80 4.39 -13.10 -24.53
CA PHE A 80 4.12 -11.98 -23.66
C PHE A 80 4.69 -12.28 -22.28
N ASN A 81 5.41 -11.32 -21.72
CA ASN A 81 5.90 -11.41 -20.36
C ASN A 81 5.75 -10.03 -19.72
N ALA A 82 5.39 -10.02 -18.44
CA ALA A 82 5.13 -8.76 -17.77
C ALA A 82 5.63 -8.81 -16.34
N GLN A 83 5.63 -7.64 -15.71
CA GLN A 83 5.85 -7.48 -14.29
C GLN A 83 4.99 -6.31 -13.85
N ILE A 84 4.45 -6.37 -12.65
CA ILE A 84 3.57 -5.32 -12.16
C ILE A 84 4.05 -4.88 -10.79
N GLU A 85 4.10 -3.57 -10.58
CA GLU A 85 4.37 -2.99 -9.28
C GLU A 85 3.07 -2.41 -8.74
N THR A 86 2.48 -3.09 -7.77
CA THR A 86 1.18 -2.73 -7.25
C THR A 86 1.31 -1.64 -6.20
N ARG A 87 0.35 -0.72 -6.23
CA ARG A 87 0.22 0.34 -5.25
C ARG A 87 -0.13 -0.17 -3.86
N ASN A 88 -0.25 -1.49 -3.70
CA ASN A 88 -0.96 -2.08 -2.57
C ASN A 88 -0.42 -1.60 -1.24
N LYS A 89 0.90 -1.53 -1.09
CA LYS A 89 1.49 -1.27 0.22
C LYS A 89 1.04 0.07 0.78
N ASP A 90 0.65 1.00 -0.09
CA ASP A 90 0.30 2.33 0.37
C ASP A 90 -1.13 2.42 0.89
N VAL A 91 -1.97 1.43 0.53
CA VAL A 91 -3.37 1.48 0.96
C VAL A 91 -3.53 1.36 2.46
N PRO A 92 -2.88 0.43 3.16
CA PRO A 92 -3.06 0.39 4.62
C PRO A 92 -2.69 1.67 5.32
N LYS A 93 -1.57 2.29 4.93
CA LYS A 93 -1.16 3.54 5.55
C LYS A 93 -2.18 4.64 5.28
N LEU A 94 -2.68 4.71 4.04
CA LEU A 94 -3.67 5.72 3.71
C LEU A 94 -4.95 5.53 4.51
N MET A 95 -5.41 4.29 4.67
CA MET A 95 -6.63 4.06 5.42
C MET A 95 -6.41 4.37 6.91
N LYS A 96 -5.23 4.03 7.43
CA LYS A 96 -4.90 4.39 8.80
C LYS A 96 -4.95 5.90 9.01
N ASP A 97 -4.29 6.65 8.12
CA ASP A 97 -4.30 8.10 8.23
C ASP A 97 -5.71 8.65 8.07
N ARG A 98 -6.51 8.06 7.19
CA ARG A 98 -7.89 8.50 7.04
C ARG A 98 -8.67 8.32 8.33
N LYS A 99 -8.50 7.16 8.98
CA LYS A 99 -9.19 6.94 10.24
C LYS A 99 -8.76 7.96 11.27
N GLN A 100 -7.45 8.21 11.37
CA GLN A 100 -6.96 9.18 12.34
C GLN A 100 -7.51 10.57 12.05
N TYR A 101 -7.55 10.96 10.78
CA TYR A 101 -8.04 12.27 10.41
C TYR A 101 -9.52 12.42 10.73
N ARG A 102 -10.33 11.41 10.48
CA ARG A 102 -11.76 11.56 10.75
C ARG A 102 -12.04 11.47 12.25
N MET A 103 -11.24 10.71 12.99
CA MET A 103 -11.37 10.75 14.44
C MET A 103 -11.06 12.14 14.96
N ALA A 104 -10.04 12.78 14.39
CA ALA A 104 -9.76 14.16 14.72
C ALA A 104 -10.95 15.06 14.40
N HIS A 105 -11.55 14.87 13.21
CA HIS A 105 -12.69 15.68 12.82
C HIS A 105 -13.82 15.55 13.84
N ARG A 106 -14.14 14.31 14.22
CA ARG A 106 -15.28 14.08 15.09
C ARG A 106 -14.99 14.55 16.51
N ARG A 107 -13.77 14.39 16.98
CA ARG A 107 -13.40 14.91 18.29
C ARG A 107 -13.48 16.43 18.33
N LEU A 108 -12.82 17.09 17.39
CA LEU A 108 -12.60 18.52 17.51
C LEU A 108 -13.78 19.36 17.03
N LYS A 109 -14.51 18.90 16.00
CA LYS A 109 -15.61 19.72 15.51
C LYS A 109 -16.93 19.33 16.16
N ARG A 110 -17.11 18.05 16.49
CA ARG A 110 -18.37 17.59 17.06
C ARG A 110 -18.31 17.43 18.57
N ARG A 111 -17.39 16.60 19.07
CA ARG A 111 -17.39 16.29 20.50
C ARG A 111 -17.03 17.52 21.33
N CYS A 112 -15.83 18.07 21.11
CA CYS A 112 -15.36 19.16 21.94
C CYS A 112 -16.29 20.36 21.86
N LYS A 113 -16.88 20.59 20.68
CA LYS A 113 -17.80 21.71 20.55
C LYS A 113 -19.05 21.50 21.38
N ARG A 114 -19.58 20.28 21.40
CA ARG A 114 -20.72 19.99 22.26
C ARG A 114 -20.36 20.18 23.73
N ARG A 115 -19.20 19.69 24.13
CA ARG A 115 -18.80 19.86 25.53
C ARG A 115 -18.67 21.34 25.88
N ARG A 116 -18.12 22.12 24.96
CA ARG A 116 -17.96 23.55 25.16
C ARG A 116 -19.32 24.23 25.31
N ARG A 117 -20.26 23.91 24.44
CA ARG A 117 -21.59 24.51 24.54
C ARG A 117 -22.28 24.07 25.82
N ALA A 118 -22.09 22.82 26.22
CA ALA A 118 -22.74 22.33 27.43
C ALA A 118 -22.23 23.08 28.66
N LYS A 119 -20.92 23.25 28.75
CA LYS A 119 -20.38 24.03 29.86
C LYS A 119 -20.86 25.46 29.81
N ALA A 120 -20.95 26.05 28.61
CA ALA A 120 -21.39 27.43 28.50
C ALA A 120 -22.84 27.60 28.95
N ALA A 121 -23.71 26.67 28.56
CA ALA A 121 -25.14 26.82 28.81
C ALA A 121 -25.59 26.21 30.13
N GLY A 122 -24.68 25.63 30.89
CA GLY A 122 -25.04 25.07 32.19
C GLY A 122 -25.64 23.69 32.15
N THR A 123 -25.85 23.11 30.97
CA THR A 123 -26.41 21.76 30.86
C THR A 123 -25.28 20.74 30.77
N ALA A 124 -24.60 20.58 31.90
CA ALA A 124 -23.54 19.60 32.03
C ALA A 124 -23.78 18.76 33.28
N PHE A 125 -23.05 17.65 33.37
CA PHE A 125 -23.13 16.81 34.56
C PHE A 125 -22.80 17.62 35.80
N GLU A 126 -23.53 17.37 36.88
CA GLU A 126 -23.23 18.08 38.12
C GLU A 126 -21.86 17.71 38.65
N GLU A 127 -21.51 16.42 38.58
CA GLU A 127 -20.16 16.01 38.96
C GLU A 127 -19.12 16.58 38.01
N GLY A 128 -19.53 16.97 36.82
CA GLY A 128 -18.61 17.41 35.79
C GLY A 128 -17.91 16.28 35.07
N GLU A 129 -18.23 15.03 35.40
CA GLU A 129 -17.60 13.86 34.85
C GLU A 129 -18.41 12.64 35.28
N LYS A 130 -18.54 11.68 34.37
CA LYS A 130 -19.35 10.51 34.67
C LYS A 130 -18.64 9.26 34.17
N GLN A 131 -18.73 8.21 34.98
CA GLN A 131 -18.28 6.88 34.58
C GLN A 131 -19.48 6.12 34.05
N ARG A 132 -19.44 5.77 32.77
CA ARG A 132 -20.54 5.07 32.13
C ARG A 132 -20.07 3.71 31.65
N LEU A 133 -20.80 2.67 32.04
CA LEU A 133 -20.45 1.30 31.67
C LEU A 133 -21.36 0.89 30.52
N LEU A 134 -20.81 0.88 29.31
CA LEU A 134 -21.60 0.58 28.14
C LEU A 134 -21.80 -0.94 28.02
N PRO A 135 -22.91 -1.37 27.42
CA PRO A 135 -23.11 -2.81 27.22
C PRO A 135 -22.01 -3.41 26.36
N GLY A 136 -21.54 -4.58 26.76
CA GLY A 136 -20.50 -5.27 26.03
C GLY A 136 -19.10 -5.16 26.62
N CYS A 137 -18.86 -4.21 27.51
CA CYS A 137 -17.55 -4.03 28.12
C CYS A 137 -17.69 -4.04 29.64
N PHE A 138 -16.56 -4.26 30.31
CA PHE A 138 -16.55 -4.43 31.76
C PHE A 138 -15.87 -3.28 32.50
N LYS A 139 -15.20 -2.39 31.80
CA LYS A 139 -14.56 -1.24 32.44
C LYS A 139 -15.16 0.04 31.89
N PRO A 140 -15.59 0.97 32.74
CA PRO A 140 -16.36 2.12 32.27
C PRO A 140 -15.51 3.07 31.43
N ILE A 141 -16.20 4.01 30.80
CA ILE A 141 -15.54 5.12 30.12
C ILE A 141 -15.86 6.40 30.86
N THR A 142 -15.02 7.41 30.63
CA THR A 142 -15.17 8.72 31.26
C THR A 142 -15.78 9.69 30.26
N CYS A 143 -17.01 10.12 30.53
CA CYS A 143 -17.69 11.12 29.73
C CYS A 143 -17.64 12.44 30.49
N LYS A 144 -17.04 13.45 29.88
CA LYS A 144 -16.87 14.73 30.54
C LYS A 144 -17.95 15.70 30.11
N SER A 145 -18.80 16.09 31.06
CA SER A 145 -19.76 17.17 30.95
C SER A 145 -20.98 16.86 30.09
N ILE A 146 -20.96 15.72 29.38
CA ILE A 146 -22.10 15.26 28.58
C ILE A 146 -21.95 13.78 28.29
N ARG A 147 -23.08 13.11 28.12
CA ARG A 147 -23.06 11.69 27.76
C ARG A 147 -22.40 11.52 26.41
N ASN A 148 -21.83 10.34 26.20
CA ASN A 148 -21.19 10.06 24.93
C ASN A 148 -22.22 9.93 23.82
N LYS A 149 -21.77 10.15 22.59
CA LYS A 149 -22.57 9.74 21.45
C LYS A 149 -22.63 8.23 21.40
N GLU A 150 -23.77 7.72 20.92
CA GLU A 150 -24.01 6.28 20.95
C GLU A 150 -22.87 5.51 20.29
N ALA A 151 -22.42 4.46 20.98
CA ALA A 151 -21.32 3.64 20.50
C ALA A 151 -21.89 2.36 19.91
N ARG A 152 -21.44 2.01 18.71
CA ARG A 152 -21.98 0.87 17.96
C ARG A 152 -20.84 -0.09 17.66
N PHE A 153 -20.72 -1.13 18.48
CA PHE A 153 -19.77 -2.21 18.23
C PHE A 153 -20.33 -3.60 18.48
N ASN A 154 -21.50 -3.74 19.10
CA ASN A 154 -21.98 -5.04 19.52
C ASN A 154 -22.29 -5.93 18.32
N ASN A 155 -22.91 -5.37 17.30
CA ASN A 155 -23.53 -6.16 16.23
C ASN A 155 -23.42 -5.39 14.93
N ARG A 156 -22.40 -5.71 14.13
CA ARG A 156 -22.25 -5.13 12.80
C ARG A 156 -21.89 -6.25 11.84
N LYS A 157 -22.91 -6.88 11.28
CA LYS A 157 -22.69 -8.01 10.38
C LYS A 157 -22.20 -7.52 9.02
N ARG A 158 -21.37 -8.34 8.40
CA ARG A 158 -20.84 -8.10 7.07
C ARG A 158 -21.20 -9.26 6.16
N PRO A 159 -21.32 -9.02 4.86
CA PRO A 159 -21.54 -10.14 3.94
C PRO A 159 -20.42 -11.16 4.07
N VAL A 160 -20.79 -12.44 4.02
CA VAL A 160 -19.80 -13.50 4.14
C VAL A 160 -18.79 -13.36 3.01
N GLY A 161 -17.56 -13.74 3.29
CA GLY A 161 -16.50 -13.52 2.33
C GLY A 161 -16.04 -12.09 2.21
N TRP A 162 -16.28 -11.27 3.23
CA TRP A 162 -15.83 -9.88 3.21
C TRP A 162 -14.31 -9.83 3.10
N LEU A 163 -13.82 -8.76 2.49
CA LEU A 163 -12.38 -8.54 2.31
C LEU A 163 -12.04 -7.09 2.63
N THR A 164 -10.94 -6.89 3.34
CA THR A 164 -10.54 -5.56 3.73
C THR A 164 -10.12 -4.76 2.50
N PRO A 165 -10.22 -3.43 2.56
CA PRO A 165 -9.88 -2.62 1.38
C PRO A 165 -8.52 -2.94 0.78
N THR A 166 -7.53 -3.31 1.58
CA THR A 166 -6.22 -3.67 1.03
C THR A 166 -6.29 -4.99 0.27
N ALA A 167 -6.88 -6.02 0.87
CA ALA A 167 -6.99 -7.31 0.20
C ALA A 167 -7.90 -7.21 -1.01
N ASN A 168 -9.01 -6.50 -0.89
CA ASN A 168 -9.87 -6.28 -2.04
C ASN A 168 -9.12 -5.54 -3.13
N HIS A 169 -8.29 -4.57 -2.76
CA HIS A 169 -7.50 -3.86 -3.75
C HIS A 169 -6.56 -4.79 -4.48
N LEU A 170 -5.88 -5.68 -3.76
CA LEU A 170 -4.96 -6.59 -4.43
C LEU A 170 -5.70 -7.56 -5.34
N LEU A 171 -6.86 -8.04 -4.91
CA LEU A 171 -7.68 -8.90 -5.76
C LEU A 171 -8.10 -8.19 -7.04
N VAL A 172 -8.64 -6.98 -6.89
CA VAL A 172 -9.06 -6.20 -8.05
C VAL A 172 -7.87 -5.92 -8.96
N THR A 173 -6.69 -5.66 -8.38
CA THR A 173 -5.53 -5.39 -9.21
C THR A 173 -5.14 -6.60 -10.03
N HIS A 174 -5.12 -7.79 -9.41
CA HIS A 174 -4.82 -8.99 -10.17
C HIS A 174 -5.80 -9.16 -11.32
N LEU A 175 -7.09 -9.06 -11.02
CA LEU A 175 -8.09 -9.27 -12.07
C LEU A 175 -7.98 -8.20 -13.16
N ASN A 176 -7.69 -6.96 -12.78
CA ASN A 176 -7.55 -5.89 -13.75
C ASN A 176 -6.38 -6.13 -14.69
N VAL A 177 -5.26 -6.61 -14.16
CA VAL A 177 -4.13 -6.87 -15.06
C VAL A 177 -4.49 -8.03 -15.99
N VAL A 178 -5.26 -9.00 -15.49
CA VAL A 178 -5.70 -10.08 -16.36
C VAL A 178 -6.59 -9.54 -17.48
N LYS A 179 -7.49 -8.62 -17.16
CA LYS A 179 -8.34 -8.03 -18.20
C LYS A 179 -7.52 -7.28 -19.23
N LYS A 180 -6.51 -6.53 -18.78
CA LYS A 180 -5.67 -5.78 -19.71
C LYS A 180 -4.89 -6.72 -20.61
N VAL A 181 -4.45 -7.86 -20.09
CA VAL A 181 -3.76 -8.83 -20.95
C VAL A 181 -4.76 -9.45 -21.93
N GLN A 182 -5.98 -9.69 -21.48
CA GLN A 182 -7.00 -10.24 -22.37
C GLN A 182 -7.29 -9.31 -23.53
N LYS A 183 -7.20 -8.00 -23.31
CA LYS A 183 -7.46 -7.06 -24.39
C LYS A 183 -6.45 -7.23 -25.53
N ILE A 184 -5.26 -7.74 -25.22
CA ILE A 184 -4.20 -7.78 -26.22
C ILE A 184 -4.20 -9.11 -26.96
N LEU A 185 -4.30 -10.22 -26.24
CA LEU A 185 -4.08 -11.54 -26.79
C LEU A 185 -5.29 -12.44 -26.57
N PRO A 186 -5.48 -13.44 -27.42
CA PRO A 186 -6.51 -14.45 -27.18
C PRO A 186 -6.03 -15.43 -26.13
N VAL A 187 -6.61 -15.34 -24.94
CA VAL A 187 -6.20 -16.19 -23.81
C VAL A 187 -7.25 -17.27 -23.64
N ALA A 188 -6.83 -18.52 -23.71
CA ALA A 188 -7.72 -19.66 -23.60
C ALA A 188 -7.70 -20.30 -22.22
N LYS A 189 -6.53 -20.67 -21.72
CA LYS A 189 -6.37 -21.26 -20.41
C LYS A 189 -5.67 -20.27 -19.49
N VAL A 190 -5.97 -20.36 -18.20
CA VAL A 190 -5.32 -19.54 -17.18
C VAL A 190 -4.82 -20.47 -16.08
N VAL A 191 -3.59 -20.25 -15.63
CA VAL A 191 -2.92 -21.12 -14.68
C VAL A 191 -2.39 -20.25 -13.55
N LEU A 192 -3.04 -20.31 -12.39
CA LEU A 192 -2.70 -19.48 -11.24
C LEU A 192 -1.83 -20.28 -10.28
N GLU A 193 -0.68 -19.72 -9.90
CA GLU A 193 0.10 -20.35 -8.84
C GLU A 193 -0.64 -20.25 -7.51
N LEU A 194 -0.56 -21.29 -6.70
CA LEU A 194 -1.20 -21.32 -5.39
C LEU A 194 -0.13 -21.17 -4.31
N ASN A 195 -0.35 -20.22 -3.40
CA ASN A 195 0.53 -20.00 -2.27
C ASN A 195 -0.30 -20.05 -1.00
N ARG A 196 0.03 -20.98 -0.11
CA ARG A 196 -0.54 -21.04 1.22
C ARG A 196 0.58 -20.91 2.23
N PHE A 197 0.40 -20.04 3.21
CA PHE A 197 1.44 -19.71 4.16
C PHE A 197 1.00 -20.04 5.57
N SER A 198 1.94 -20.53 6.37
CA SER A 198 1.77 -20.65 7.80
C SER A 198 2.79 -19.73 8.46
N PHE A 199 2.32 -18.76 9.25
CA PHE A 199 3.23 -17.80 9.85
C PHE A 199 3.75 -18.25 11.20
N MET A 200 3.19 -19.32 11.77
CA MET A 200 3.92 -20.05 12.79
C MET A 200 5.17 -20.66 12.20
N ALA A 201 5.08 -21.18 10.98
CA ALA A 201 6.24 -21.56 10.21
C ALA A 201 6.84 -20.33 9.55
N MET A 202 8.05 -20.50 9.02
CA MET A 202 8.87 -19.44 8.43
C MET A 202 9.39 -18.52 9.52
N ASN A 203 8.87 -18.69 10.73
CA ASN A 203 9.47 -18.05 11.90
C ASN A 203 10.40 -19.02 12.61
N ASN A 204 10.06 -20.30 12.58
CA ASN A 204 10.88 -21.34 13.16
C ASN A 204 10.69 -22.61 12.34
N PRO A 205 11.55 -22.88 11.35
CA PRO A 205 11.52 -24.17 10.67
C PRO A 205 11.80 -25.29 11.66
N LYS A 206 11.62 -26.53 11.19
CA LYS A 206 11.69 -27.72 12.03
C LYS A 206 10.63 -27.67 13.13
N VAL A 207 9.55 -26.94 12.88
CA VAL A 207 8.48 -26.83 13.86
C VAL A 207 7.81 -28.18 14.04
N GLN A 208 7.53 -28.54 15.29
CA GLN A 208 6.85 -29.80 15.57
C GLN A 208 5.34 -29.58 15.52
N ARG A 209 4.62 -30.65 15.16
CA ARG A 209 3.18 -30.53 14.93
C ARG A 209 2.47 -29.91 16.12
N TRP A 210 2.68 -30.46 17.32
CA TRP A 210 2.00 -29.96 18.51
C TRP A 210 2.30 -28.50 18.77
N GLN A 211 3.40 -27.97 18.23
CA GLN A 211 3.75 -26.57 18.45
C GLN A 211 2.72 -25.62 17.83
N TYR A 212 2.01 -26.07 16.80
CA TYR A 212 1.12 -25.15 16.08
C TYR A 212 0.00 -24.63 16.97
N GLN A 213 -0.38 -25.38 18.00
CA GLN A 213 -1.54 -24.99 18.79
C GLN A 213 -1.17 -24.17 20.01
N ARG A 214 0.08 -24.29 20.48
CA ARG A 214 0.56 -23.55 21.64
C ARG A 214 1.73 -22.71 21.20
N GLY A 215 1.52 -21.40 21.13
CA GLY A 215 2.55 -20.47 20.72
C GLY A 215 2.87 -19.47 21.79
N PRO A 216 3.41 -18.31 21.38
CA PRO A 216 3.80 -17.29 22.37
C PRO A 216 2.66 -16.83 23.26
N LEU A 217 1.43 -16.80 22.76
CA LEU A 217 0.31 -16.26 23.50
C LEU A 217 -0.72 -17.33 23.85
N TYR A 218 -0.32 -18.59 23.93
CA TYR A 218 -1.26 -19.64 24.30
C TYR A 218 -1.75 -19.46 25.73
N GLY A 219 -3.01 -19.77 25.95
CA GLY A 219 -3.57 -19.74 27.30
C GLY A 219 -3.80 -18.36 27.85
N LYS A 220 -2.74 -17.57 27.96
CA LYS A 220 -2.86 -16.15 28.25
C LYS A 220 -3.63 -15.49 27.11
N GLY A 221 -4.65 -14.70 27.47
CA GLY A 221 -5.65 -14.33 26.48
C GLY A 221 -5.12 -13.46 25.36
N SER A 222 -4.77 -12.22 25.67
CA SER A 222 -4.40 -11.24 24.65
C SER A 222 -3.00 -10.75 24.90
N VAL A 223 -2.48 -9.96 23.94
CA VAL A 223 -1.13 -9.43 24.06
C VAL A 223 -1.01 -8.57 25.31
N GLU A 224 -2.03 -7.78 25.61
CA GLU A 224 -1.99 -6.93 26.80
C GLU A 224 -1.84 -7.76 28.06
N GLU A 225 -2.62 -8.83 28.18
CA GLU A 225 -2.52 -9.68 29.37
C GLU A 225 -1.18 -10.38 29.42
N ALA A 226 -0.65 -10.82 28.28
CA ALA A 226 0.65 -11.47 28.27
C ALA A 226 1.75 -10.53 28.73
N VAL A 227 1.71 -9.28 28.29
CA VAL A 227 2.68 -8.29 28.73
C VAL A 227 2.52 -8.03 30.23
N SER A 228 1.28 -7.87 30.69
CA SER A 228 1.06 -7.63 32.12
C SER A 228 1.50 -8.82 32.96
N MET A 229 1.54 -10.00 32.34
CA MET A 229 2.03 -11.19 33.04
C MET A 229 3.56 -11.20 33.09
N GLN A 230 4.21 -11.08 31.93
CA GLN A 230 5.67 -11.18 31.87
C GLN A 230 6.33 -10.05 32.64
N GLN A 231 5.62 -8.95 32.84
CA GLN A 231 6.13 -7.85 33.66
C GLN A 231 5.63 -7.89 35.09
N ASP A 232 4.91 -8.94 35.47
CA ASP A 232 4.41 -9.15 36.82
C ASP A 232 3.43 -8.07 37.28
N GLY A 233 2.76 -7.41 36.35
CA GLY A 233 1.71 -6.48 36.69
C GLY A 233 2.16 -5.12 37.17
N HIS A 234 3.45 -4.79 37.04
CA HIS A 234 3.94 -3.47 37.39
C HIS A 234 4.68 -2.89 36.20
N CYS A 235 4.85 -1.57 36.22
CA CYS A 235 5.52 -0.86 35.13
C CYS A 235 6.89 -1.44 34.87
N LEU A 236 7.35 -1.29 33.63
CA LEU A 236 8.66 -1.83 33.26
C LEU A 236 9.78 -1.10 33.99
N PHE A 237 9.55 0.14 34.40
CA PHE A 237 10.58 0.93 35.04
C PHE A 237 10.45 0.93 36.56
N CYS A 238 9.32 1.39 37.07
CA CYS A 238 9.09 1.53 38.49
C CYS A 238 8.33 0.32 39.02
N LYS A 239 7.85 0.41 40.26
CA LYS A 239 7.00 -0.61 40.85
C LYS A 239 5.53 -0.25 40.77
N HIS A 240 5.17 0.69 39.90
CA HIS A 240 3.79 1.15 39.80
C HIS A 240 3.04 0.31 38.76
N GLY A 241 1.72 0.34 38.83
CA GLY A 241 0.91 -0.54 38.00
C GLY A 241 0.90 -0.13 36.55
N ILE A 242 0.48 -1.07 35.69
CA ILE A 242 0.43 -0.82 34.26
C ILE A 242 -0.72 0.10 33.92
N ASP A 243 -0.45 1.12 33.11
CA ASP A 243 -1.49 2.02 32.63
C ASP A 243 -1.66 1.99 31.13
N HIS A 244 -0.58 2.20 30.38
CA HIS A 244 -0.63 2.27 28.93
C HIS A 244 0.26 1.18 28.34
N TYR A 245 -0.23 0.54 27.29
CA TYR A 245 0.52 -0.47 26.58
C TYR A 245 1.20 0.18 25.38
N HIS A 246 2.42 0.63 25.59
CA HIS A 246 3.22 1.33 24.59
C HIS A 246 3.79 0.37 23.57
N HIS A 247 3.96 0.87 22.35
CA HIS A 247 4.67 0.17 21.30
C HIS A 247 6.13 0.58 21.34
N VAL A 248 7.03 -0.40 21.42
CA VAL A 248 8.45 -0.08 21.40
C VAL A 248 8.81 0.59 20.07
N VAL A 249 8.35 0.02 18.97
CA VAL A 249 8.42 0.68 17.67
C VAL A 249 7.06 1.31 17.40
N PRO A 250 6.98 2.62 17.17
CA PRO A 250 5.68 3.28 17.06
C PRO A 250 4.87 2.76 15.89
N ARG A 251 3.55 2.81 16.05
CA ARG A 251 2.66 2.32 14.99
C ARG A 251 2.75 3.19 13.74
N ARG A 252 3.31 4.39 13.82
CA ARG A 252 3.48 5.18 12.61
C ARG A 252 4.51 4.55 11.69
N LYS A 253 5.54 3.92 12.25
CA LYS A 253 6.34 2.99 11.48
C LYS A 253 5.65 1.63 11.45
N ASN A 254 6.34 0.64 10.89
CA ASN A 254 5.74 -0.69 10.75
C ASN A 254 5.79 -1.44 12.08
N GLY A 255 5.29 -0.78 13.12
CA GLY A 255 5.30 -1.39 14.44
C GLY A 255 4.35 -2.57 14.51
N SER A 256 4.86 -3.70 14.95
CA SER A 256 4.04 -4.90 15.04
C SER A 256 3.02 -4.75 16.17
N GLU A 257 1.95 -5.52 16.06
CA GLU A 257 0.95 -5.62 17.11
C GLU A 257 1.13 -6.87 17.95
N THR A 258 2.16 -7.66 17.69
CA THR A 258 2.35 -8.92 18.40
C THR A 258 2.90 -8.65 19.79
N LEU A 259 3.25 -9.75 20.47
CA LEU A 259 3.69 -9.66 21.86
C LEU A 259 5.00 -8.90 22.00
N GLU A 260 5.97 -9.20 21.15
CA GLU A 260 7.33 -8.72 21.39
C GLU A 260 7.47 -7.23 21.13
N ASN A 261 6.37 -6.56 20.78
CA ASN A 261 6.44 -5.12 20.59
C ASN A 261 5.79 -4.37 21.76
N ARG A 262 4.70 -4.91 22.30
CA ARG A 262 3.97 -4.22 23.34
C ARG A 262 4.72 -4.26 24.67
N VAL A 263 4.61 -3.18 25.44
CA VAL A 263 5.24 -3.08 26.75
C VAL A 263 4.33 -2.26 27.65
N GLY A 264 4.19 -2.69 28.90
CA GLY A 264 3.33 -1.96 29.82
C GLY A 264 4.08 -0.90 30.60
N LEU A 265 3.50 0.30 30.73
CA LEU A 265 4.13 1.40 31.45
C LEU A 265 3.06 2.18 32.19
N CYS A 266 3.48 2.88 33.24
CA CYS A 266 2.57 3.80 33.91
C CYS A 266 2.47 5.10 33.11
N GLU A 267 1.63 6.02 33.61
CA GLU A 267 1.37 7.25 32.88
C GLU A 267 2.63 8.08 32.70
N GLU A 268 3.23 8.52 33.81
CA GLU A 268 4.37 9.42 33.73
C GLU A 268 5.53 8.77 32.99
N HIS A 269 5.73 7.46 33.18
CA HIS A 269 6.82 6.78 32.49
C HIS A 269 6.59 6.76 31.00
N HIS A 270 5.36 6.52 30.56
CA HIS A 270 5.06 6.60 29.13
C HIS A 270 5.33 8.00 28.59
N ARG A 271 4.86 9.02 29.30
CA ARG A 271 5.05 10.39 28.82
C ARG A 271 6.53 10.73 28.70
N LEU A 272 7.31 10.37 29.71
CA LEU A 272 8.74 10.66 29.67
C LEU A 272 9.46 9.87 28.60
N VAL A 273 9.17 8.57 28.49
CA VAL A 273 9.87 7.75 27.51
C VAL A 273 9.45 8.13 26.11
N HIS A 274 8.33 8.83 25.97
CA HIS A 274 7.83 9.05 24.62
C HIS A 274 8.10 10.48 24.18
N THR A 275 8.40 11.37 25.13
CA THR A 275 8.90 12.70 24.80
C THR A 275 10.43 12.78 24.91
N ASP A 276 10.97 12.44 26.08
CA ASP A 276 12.40 12.62 26.33
C ASP A 276 13.23 11.63 25.53
N LYS A 277 14.50 11.98 25.33
CA LYS A 277 15.38 11.13 24.53
C LYS A 277 16.06 10.06 25.38
N GLU A 278 16.56 10.44 26.57
CA GLU A 278 17.28 9.50 27.42
C GLU A 278 16.40 8.32 27.83
N TRP A 279 15.14 8.61 28.17
CA TRP A 279 14.21 7.55 28.54
C TRP A 279 13.93 6.63 27.36
N GLU A 280 13.80 7.19 26.15
CA GLU A 280 13.63 6.36 24.97
C GLU A 280 14.82 5.44 24.77
N ALA A 281 16.03 5.97 24.92
CA ALA A 281 17.22 5.13 24.80
C ALA A 281 17.23 4.04 25.86
N ASN A 282 16.81 4.37 27.08
CA ASN A 282 16.79 3.38 28.16
C ASN A 282 15.80 2.26 27.86
N LEU A 283 14.60 2.61 27.39
CA LEU A 283 13.62 1.58 27.08
C LEU A 283 14.08 0.73 25.90
N ALA A 284 14.69 1.36 24.89
CA ALA A 284 15.27 0.58 23.80
C ALA A 284 16.36 -0.33 24.31
N SER A 285 17.04 0.08 25.38
CA SER A 285 18.04 -0.79 26.00
C SER A 285 17.39 -2.02 26.61
N LYS A 286 16.32 -1.83 27.41
CA LYS A 286 15.72 -2.97 28.08
C LYS A 286 15.07 -3.94 27.09
N LYS A 287 14.42 -3.43 26.04
CA LYS A 287 13.73 -4.27 25.08
C LYS A 287 13.91 -3.70 23.68
N SER A 288 13.82 -4.57 22.67
CA SER A 288 14.13 -4.13 21.32
C SER A 288 12.87 -3.83 20.51
N GLY A 289 11.89 -4.73 20.53
CA GLY A 289 10.75 -4.62 19.65
C GLY A 289 11.09 -5.04 18.24
N MET A 290 10.07 -5.04 17.37
CA MET A 290 10.29 -5.44 15.99
C MET A 290 9.28 -4.76 15.08
N ASN A 291 9.54 -4.87 13.78
CA ASN A 291 8.60 -4.44 12.75
C ASN A 291 7.52 -5.50 12.58
N LYS A 292 6.72 -5.36 11.52
CA LYS A 292 5.61 -6.29 11.32
C LYS A 292 6.09 -7.59 10.70
N LYS A 293 6.83 -7.52 9.58
CA LYS A 293 7.56 -8.63 8.98
C LYS A 293 6.64 -9.64 8.30
N TYR A 294 5.34 -9.56 8.55
CA TYR A 294 4.36 -10.48 7.95
C TYR A 294 3.09 -9.71 7.60
N HIS A 295 3.24 -8.54 6.98
CA HIS A 295 2.11 -7.77 6.51
C HIS A 295 1.75 -8.06 5.07
N ALA A 296 2.72 -8.45 4.24
CA ALA A 296 2.43 -8.69 2.84
C ALA A 296 1.84 -10.08 2.62
N LEU A 297 2.57 -11.11 3.05
CA LEU A 297 2.15 -12.46 2.80
C LEU A 297 0.79 -12.76 3.43
N SER A 298 0.41 -12.02 4.47
CA SER A 298 -0.94 -12.18 5.01
C SER A 298 -1.99 -11.82 3.99
N VAL A 299 -1.88 -10.64 3.38
CA VAL A 299 -2.87 -10.21 2.40
C VAL A 299 -2.87 -11.17 1.20
N LEU A 300 -1.68 -11.56 0.75
CA LEU A 300 -1.63 -12.48 -0.38
C LEU A 300 -2.34 -13.80 -0.05
N ASN A 301 -2.07 -14.35 1.14
CA ASN A 301 -2.69 -15.60 1.54
C ASN A 301 -4.20 -15.45 1.65
N GLN A 302 -4.67 -14.31 2.15
CA GLN A 302 -6.11 -14.08 2.22
C GLN A 302 -6.74 -14.10 0.83
N ILE A 303 -6.09 -13.48 -0.14
CA ILE A 303 -6.78 -13.30 -1.42
C ILE A 303 -6.67 -14.50 -2.34
N ILE A 304 -5.69 -15.39 -2.15
CA ILE A 304 -5.48 -16.47 -3.13
C ILE A 304 -6.75 -17.27 -3.43
N PRO A 305 -7.52 -17.77 -2.46
CA PRO A 305 -8.73 -18.53 -2.84
C PRO A 305 -9.75 -17.72 -3.63
N TYR A 306 -9.95 -16.46 -3.26
CA TYR A 306 -10.90 -15.62 -4.00
C TYR A 306 -10.44 -15.44 -5.43
N LEU A 307 -9.13 -15.25 -5.62
CA LEU A 307 -8.59 -15.11 -6.97
C LEU A 307 -8.79 -16.37 -7.77
N ALA A 308 -8.55 -17.54 -7.17
CA ALA A 308 -8.75 -18.78 -7.92
C ALA A 308 -10.22 -18.94 -8.31
N ASP A 309 -11.13 -18.63 -7.38
CA ASP A 309 -12.55 -18.72 -7.67
C ASP A 309 -12.94 -17.83 -8.85
N GLN A 310 -12.53 -16.56 -8.80
CA GLN A 310 -13.00 -15.63 -9.82
C GLN A 310 -12.29 -15.86 -11.15
N LEU A 311 -11.05 -16.35 -11.13
CA LEU A 311 -10.43 -16.80 -12.36
C LEU A 311 -11.21 -17.95 -12.98
N ALA A 312 -11.67 -18.89 -12.15
CA ALA A 312 -12.51 -19.97 -12.66
C ALA A 312 -13.78 -19.42 -13.28
N ASP A 313 -14.37 -18.40 -12.65
CA ASP A 313 -15.53 -17.75 -13.26
C ASP A 313 -15.19 -17.16 -14.61
N MET A 314 -14.05 -16.49 -14.73
CA MET A 314 -13.72 -15.81 -15.98
C MET A 314 -13.42 -16.80 -17.10
N PHE A 315 -12.87 -17.97 -16.77
CA PHE A 315 -12.43 -18.95 -17.76
C PHE A 315 -13.06 -20.31 -17.45
N PRO A 316 -14.38 -20.43 -17.60
CA PRO A 316 -15.05 -21.67 -17.19
C PRO A 316 -14.52 -22.87 -17.97
N GLY A 317 -14.15 -23.92 -17.23
CA GLY A 317 -13.60 -25.11 -17.81
C GLY A 317 -12.18 -24.99 -18.31
N ASN A 318 -11.55 -23.83 -18.15
CA ASN A 318 -10.20 -23.60 -18.64
C ASN A 318 -9.37 -22.88 -17.58
N PHE A 319 -9.43 -23.39 -16.34
CA PHE A 319 -8.71 -22.80 -15.23
C PHE A 319 -8.00 -23.89 -14.46
N CYS A 320 -6.69 -23.71 -14.23
CA CYS A 320 -5.88 -24.69 -13.55
C CYS A 320 -5.15 -24.04 -12.38
N VAL A 321 -4.36 -24.85 -11.68
CA VAL A 321 -3.56 -24.39 -10.55
C VAL A 321 -2.23 -25.11 -10.56
N THR A 322 -1.26 -24.54 -9.84
CA THR A 322 0.09 -25.07 -9.77
C THR A 322 0.73 -24.64 -8.46
N SER A 323 1.56 -25.51 -7.90
CA SER A 323 2.23 -25.28 -6.64
C SER A 323 3.59 -24.62 -6.85
N GLY A 324 4.04 -23.89 -5.85
CA GLY A 324 5.37 -23.28 -5.92
C GLY A 324 6.46 -24.33 -6.00
N GLN A 325 6.26 -25.46 -5.33
CA GLN A 325 7.24 -26.55 -5.41
C GLN A 325 7.35 -27.06 -6.83
N ASP A 326 6.23 -27.17 -7.53
CA ASP A 326 6.28 -27.58 -8.93
C ASP A 326 7.07 -26.58 -9.76
N THR A 327 6.90 -25.28 -9.48
CA THR A 327 7.68 -24.27 -10.17
C THR A 327 9.17 -24.46 -9.92
N TYR A 328 9.55 -24.72 -8.67
CA TYR A 328 10.96 -24.93 -8.36
C TYR A 328 11.50 -26.15 -9.08
N LEU A 329 10.72 -27.22 -9.13
CA LEU A 329 11.13 -28.41 -9.87
C LEU A 329 11.32 -28.08 -11.34
N PHE A 330 10.41 -27.29 -11.92
CA PHE A 330 10.53 -26.92 -13.32
C PHE A 330 11.81 -26.12 -13.57
N ARG A 331 12.10 -25.16 -12.70
CA ARG A 331 13.33 -24.38 -12.86
C ARG A 331 14.56 -25.27 -12.76
N GLU A 332 14.57 -26.19 -11.80
CA GLU A 332 15.71 -27.09 -11.68
C GLU A 332 15.83 -28.00 -12.90
N GLU A 333 14.70 -28.37 -13.48
CA GLU A 333 14.71 -29.34 -14.58
C GLU A 333 15.16 -28.69 -15.88
N HIS A 334 14.44 -27.67 -16.33
CA HIS A 334 14.70 -27.07 -17.63
C HIS A 334 15.78 -26.00 -17.61
N GLY A 335 16.35 -25.71 -16.43
CA GLY A 335 17.44 -24.77 -16.36
C GLY A 335 17.07 -23.31 -16.46
N ILE A 336 15.81 -22.95 -16.19
CA ILE A 336 15.44 -21.54 -16.19
C ILE A 336 16.25 -20.80 -15.14
N PRO A 337 16.82 -19.64 -15.43
CA PRO A 337 17.51 -18.87 -14.40
C PRO A 337 16.52 -18.35 -13.36
N LYS A 338 17.03 -18.10 -12.16
CA LYS A 338 16.21 -17.52 -11.11
C LYS A 338 15.77 -16.12 -11.51
N ASP A 339 14.51 -15.80 -11.22
CA ASP A 339 13.97 -14.46 -11.41
C ASP A 339 12.58 -14.44 -10.79
N HIS A 340 11.93 -13.29 -10.86
CA HIS A 340 10.57 -13.14 -10.35
C HIS A 340 9.54 -12.93 -11.44
N TYR A 341 9.94 -12.99 -12.72
CA TYR A 341 8.98 -13.03 -13.82
C TYR A 341 9.13 -14.25 -14.69
N LEU A 342 10.27 -14.93 -14.67
CA LEU A 342 10.34 -16.25 -15.28
C LEU A 342 9.52 -17.27 -14.50
N ASP A 343 9.16 -16.96 -13.25
CA ASP A 343 8.22 -17.78 -12.51
C ASP A 343 6.91 -17.93 -13.28
N ALA A 344 6.41 -16.83 -13.84
CA ALA A 344 5.17 -16.89 -14.59
C ALA A 344 5.32 -17.75 -15.84
N TYR A 345 6.46 -17.67 -16.50
CA TYR A 345 6.67 -18.50 -17.68
C TYR A 345 6.68 -19.98 -17.31
N CYS A 346 7.35 -20.33 -16.21
CA CYS A 346 7.34 -21.73 -15.78
C CYS A 346 5.94 -22.17 -15.37
N ILE A 347 5.19 -21.30 -14.68
CA ILE A 347 3.83 -21.62 -14.27
C ILE A 347 2.96 -21.89 -15.49
N ALA A 348 3.04 -21.01 -16.48
CA ALA A 348 2.28 -21.22 -17.71
C ALA A 348 2.70 -22.50 -18.40
N CYS A 349 4.01 -22.76 -18.49
CA CYS A 349 4.48 -23.98 -19.15
C CYS A 349 4.04 -25.24 -18.43
N SER A 350 3.72 -25.15 -17.15
CA SER A 350 3.29 -26.35 -16.42
C SER A 350 2.11 -27.03 -17.10
N ALA A 351 1.07 -26.27 -17.44
CA ALA A 351 -0.17 -26.88 -17.92
C ALA A 351 0.00 -27.52 -19.29
N LEU A 352 1.00 -27.09 -20.06
CA LEU A 352 1.22 -27.63 -21.40
C LEU A 352 1.47 -29.13 -21.34
N THR A 353 0.52 -29.89 -21.89
CA THR A 353 0.66 -31.34 -21.90
C THR A 353 1.78 -31.79 -22.84
N ASP A 354 1.93 -31.13 -23.98
CA ASP A 354 2.94 -31.49 -24.99
C ASP A 354 3.75 -30.24 -25.28
N ALA A 355 4.78 -30.02 -24.48
CA ALA A 355 5.64 -28.85 -24.60
C ALA A 355 7.05 -29.33 -24.97
N LYS A 356 7.46 -29.04 -26.21
CA LYS A 356 8.76 -29.46 -26.70
C LYS A 356 9.64 -28.29 -27.11
N LYS A 357 9.08 -27.08 -27.19
CA LYS A 357 9.84 -25.89 -27.54
C LYS A 357 10.18 -25.04 -26.32
N VAL A 358 10.02 -25.60 -25.12
CA VAL A 358 10.20 -24.81 -23.90
C VAL A 358 11.64 -24.33 -23.79
N SER A 359 11.80 -23.01 -23.71
CA SER A 359 13.09 -22.39 -23.45
C SER A 359 12.83 -21.05 -22.79
N SER A 360 13.84 -20.57 -22.06
CA SER A 360 13.64 -19.37 -21.26
C SER A 360 13.37 -18.17 -22.15
N PRO A 361 12.50 -17.25 -21.73
CA PRO A 361 12.28 -16.03 -22.52
C PRO A 361 13.54 -15.18 -22.55
N LYS A 362 13.66 -14.39 -23.61
CA LYS A 362 14.74 -13.42 -23.71
C LYS A 362 14.16 -12.02 -23.87
N GLY A 363 14.84 -11.05 -23.30
CA GLY A 363 14.39 -9.68 -23.36
C GLY A 363 13.64 -9.29 -22.11
N ARG A 364 13.77 -8.02 -21.75
CA ARG A 364 13.10 -7.53 -20.56
C ARG A 364 11.59 -7.60 -20.77
N PRO A 365 10.81 -7.86 -19.73
CA PRO A 365 9.36 -7.86 -19.86
C PRO A 365 8.80 -6.46 -19.72
N TYR A 366 7.59 -6.28 -20.24
CA TYR A 366 6.89 -5.03 -20.07
C TYR A 366 6.59 -4.80 -18.60
N MET A 367 7.11 -3.71 -18.06
CA MET A 367 6.86 -3.33 -16.68
C MET A 367 5.58 -2.51 -16.60
N VAL A 368 4.81 -2.73 -15.55
CA VAL A 368 3.56 -2.01 -15.34
C VAL A 368 3.62 -1.36 -13.97
N HIS A 369 3.26 -0.09 -13.92
CA HIS A 369 3.14 0.63 -12.66
C HIS A 369 1.68 0.93 -12.42
N GLN A 370 1.26 0.83 -11.16
CA GLN A 370 -0.09 1.19 -10.79
C GLN A 370 -0.08 2.55 -10.11
N PHE A 371 -1.00 3.41 -10.54
CA PHE A 371 -1.09 4.76 -10.01
C PHE A 371 -2.45 4.96 -9.38
N ARG A 372 -2.53 5.92 -8.46
CA ARG A 372 -3.80 6.24 -7.84
C ARG A 372 -4.83 6.59 -8.91
N ARG A 373 -6.02 6.02 -8.77
CA ARG A 373 -7.11 6.45 -9.65
C ARG A 373 -7.80 7.68 -9.09
N HIS A 374 -7.76 7.85 -7.77
CA HIS A 374 -8.30 9.03 -7.11
C HIS A 374 -7.34 9.53 -6.06
N ASP A 375 -7.40 10.82 -5.79
CA ASP A 375 -6.78 11.42 -4.61
C ASP A 375 -7.63 12.59 -4.17
N ARG A 376 -8.37 12.41 -3.09
CA ARG A 376 -9.33 13.40 -2.64
C ARG A 376 -8.93 14.04 -1.32
N GLN A 377 -7.63 14.23 -1.12
CA GLN A 377 -7.13 15.02 -0.01
C GLN A 377 -7.00 16.48 -0.42
N ALA A 378 -7.08 17.38 0.55
CA ALA A 378 -7.01 18.80 0.27
C ALA A 378 -5.89 19.52 1.00
N CYS A 379 -5.45 19.03 2.14
CA CYS A 379 -4.43 19.69 2.95
C CYS A 379 -3.10 19.01 2.68
N HIS A 380 -2.11 19.78 2.25
CA HIS A 380 -0.77 19.23 2.02
C HIS A 380 0.00 19.16 3.32
N LYS A 381 0.19 20.30 3.98
CA LYS A 381 0.94 20.36 5.23
C LYS A 381 0.28 21.36 6.14
N ALA A 382 -0.60 20.89 7.03
CA ALA A 382 -1.06 21.71 8.14
C ALA A 382 0.05 21.79 9.16
N ASN A 383 0.80 22.90 9.16
CA ASN A 383 2.14 22.90 9.75
C ASN A 383 2.11 22.64 11.24
N LEU A 384 1.31 23.41 11.99
CA LEU A 384 1.03 23.14 13.40
C LEU A 384 2.26 23.21 14.29
N ASN A 385 3.30 23.94 13.89
CA ASN A 385 4.52 24.04 14.69
C ASN A 385 4.78 25.51 15.01
N ARG A 386 5.23 25.78 16.22
CA ARG A 386 5.37 27.13 16.73
C ARG A 386 6.86 27.40 17.01
N SER A 387 7.56 27.91 16.02
CA SER A 387 9.02 28.01 16.06
C SER A 387 9.47 29.34 16.65
N TYR A 388 10.44 29.27 17.56
CA TYR A 388 11.04 30.44 18.18
C TYR A 388 12.49 30.54 17.74
N TYR A 389 12.94 31.75 17.40
CA TYR A 389 14.30 32.00 16.99
C TYR A 389 14.86 33.18 17.77
N MET A 390 16.15 33.10 18.10
CA MET A 390 16.93 34.24 18.55
C MET A 390 17.87 34.62 17.42
N GLY A 391 17.62 35.77 16.81
CA GLY A 391 18.36 36.12 15.62
C GLY A 391 17.89 35.24 14.47
N GLY A 392 18.73 34.30 14.06
CA GLY A 392 18.36 33.39 13.00
C GLY A 392 18.59 31.93 13.33
N LYS A 393 18.61 31.61 14.62
CA LYS A 393 18.86 30.24 15.07
C LYS A 393 17.63 29.70 15.78
N LEU A 394 17.29 28.45 15.50
CA LEU A 394 16.15 27.81 16.16
C LEU A 394 16.51 27.43 17.58
N VAL A 395 15.62 27.73 18.52
CA VAL A 395 15.87 27.43 19.93
C VAL A 395 14.72 26.68 20.59
N ALA A 396 13.52 26.68 20.02
CA ALA A 396 12.39 25.99 20.63
C ALA A 396 11.31 25.83 19.57
N THR A 397 10.55 24.75 19.70
CA THR A 397 9.60 24.37 18.65
C THR A 397 8.15 24.44 19.11
N ASN A 398 7.89 24.56 20.40
CA ASN A 398 6.53 24.71 20.91
C ASN A 398 6.63 25.34 22.30
N ARG A 399 5.47 25.75 22.82
CA ARG A 399 5.47 26.25 24.19
C ARG A 399 5.85 25.15 25.17
N HIS A 400 5.19 24.01 25.10
CA HIS A 400 5.55 22.83 25.88
C HIS A 400 5.57 21.64 24.95
N LYS A 401 6.41 20.65 25.26
CA LYS A 401 6.60 19.53 24.37
C LYS A 401 5.30 18.84 24.05
N ALA A 402 5.09 18.53 22.77
CA ALA A 402 4.01 17.66 22.33
C ALA A 402 4.47 16.21 22.35
N MET A 403 3.52 15.30 22.21
CA MET A 403 3.86 13.89 22.19
C MET A 403 4.79 13.61 21.01
N ASP A 404 5.82 12.80 21.25
CA ASP A 404 6.90 12.57 20.27
C ASP A 404 7.59 13.86 19.86
N GLN A 405 7.94 14.70 20.81
CA GLN A 405 8.81 15.85 20.54
C GLN A 405 10.08 15.65 21.36
N LYS A 406 11.13 15.15 20.69
CA LYS A 406 12.41 14.96 21.37
C LYS A 406 13.14 16.28 21.54
N THR A 407 12.98 17.21 20.60
CA THR A 407 13.67 18.48 20.66
C THR A 407 13.05 19.39 21.72
N ASP A 408 13.82 20.38 22.14
CA ASP A 408 13.41 21.25 23.23
C ASP A 408 12.14 22.03 22.86
N SER A 409 11.55 22.64 23.87
CA SER A 409 10.38 23.49 23.71
C SER A 409 10.62 24.79 24.47
N LEU A 410 9.58 25.62 24.57
CA LEU A 410 9.77 26.94 25.16
C LEU A 410 9.94 26.88 26.67
N GLU A 411 9.33 25.91 27.34
CA GLU A 411 9.47 25.86 28.80
C GLU A 411 10.91 25.53 29.19
N GLU A 412 11.55 24.62 28.47
CA GLU A 412 12.91 24.23 28.81
C GLU A 412 13.89 25.35 28.51
N TYR A 413 13.71 26.04 27.38
CA TYR A 413 14.52 27.21 27.10
C TYR A 413 14.30 28.28 28.16
N ARG A 414 13.04 28.52 28.52
CA ARG A 414 12.72 29.50 29.55
C ARG A 414 13.45 29.20 30.84
N ALA A 415 13.49 27.93 31.23
CA ALA A 415 14.22 27.54 32.43
C ALA A 415 15.72 27.76 32.26
N ALA A 416 16.26 27.41 31.10
CA ALA A 416 17.70 27.43 30.91
C ALA A 416 18.25 28.84 30.83
N HIS A 417 17.53 29.75 30.18
CA HIS A 417 18.02 31.10 29.93
C HIS A 417 17.23 32.13 30.73
N SER A 418 17.66 33.39 30.62
CA SER A 418 17.09 34.45 31.42
C SER A 418 15.88 35.07 30.74
N ALA A 419 15.23 35.99 31.45
CA ALA A 419 14.04 36.64 30.92
C ALA A 419 14.36 37.57 29.75
N ALA A 420 15.58 38.09 29.67
CA ALA A 420 15.96 38.89 28.52
C ALA A 420 15.95 38.07 27.24
N ASP A 421 16.47 36.85 27.30
CA ASP A 421 16.47 35.98 26.14
C ASP A 421 15.04 35.68 25.69
N VAL A 422 14.13 35.50 26.65
CA VAL A 422 12.73 35.27 26.31
C VAL A 422 12.13 36.53 25.68
N SER A 423 12.50 37.70 26.20
CA SER A 423 11.98 38.94 25.66
C SER A 423 12.55 39.28 24.30
N LYS A 424 13.62 38.63 23.88
CA LYS A 424 14.23 38.90 22.58
C LYS A 424 14.01 37.80 21.57
N LEU A 425 12.92 37.05 21.67
CA LEU A 425 12.64 35.98 20.71
C LEU A 425 11.71 36.48 19.62
N THR A 426 11.87 35.91 18.42
CA THR A 426 10.97 36.15 17.30
C THR A 426 10.35 34.83 16.90
N VAL A 427 9.04 34.83 16.68
CA VAL A 427 8.29 33.63 16.41
C VAL A 427 7.90 33.59 14.94
N LYS A 428 8.05 32.43 14.31
CA LYS A 428 7.58 32.23 12.94
C LYS A 428 6.83 30.90 12.85
N HIS A 429 5.53 30.99 12.57
CA HIS A 429 4.68 29.82 12.44
C HIS A 429 3.97 29.85 11.08
N PRO A 430 4.50 29.18 10.06
CA PRO A 430 3.91 29.29 8.73
C PRO A 430 2.52 28.67 8.66
N SER A 431 1.72 29.15 7.72
CA SER A 431 0.34 28.74 7.59
C SER A 431 0.23 27.45 6.79
N ALA A 432 -0.99 26.92 6.73
CA ALA A 432 -1.22 25.62 6.11
C ALA A 432 -1.10 25.68 4.61
N GLN A 433 -0.63 24.59 4.01
CA GLN A 433 -0.47 24.46 2.57
C GLN A 433 -1.45 23.43 2.04
N TYR A 434 -2.01 23.69 0.86
CA TYR A 434 -3.04 22.85 0.29
C TYR A 434 -2.62 22.37 -1.11
N LYS A 435 -2.90 21.10 -1.39
CA LYS A 435 -2.72 20.58 -2.74
C LYS A 435 -3.74 21.19 -3.69
N ASP A 436 -3.41 21.18 -4.97
CA ASP A 436 -4.39 21.51 -5.99
C ASP A 436 -5.13 20.24 -6.38
N MET A 437 -6.37 20.10 -5.91
CA MET A 437 -7.09 18.86 -6.13
C MET A 437 -7.41 18.61 -7.59
N SER A 438 -7.28 19.62 -8.45
CA SER A 438 -7.54 19.47 -9.88
C SER A 438 -6.25 19.38 -10.69
N ARG A 439 -5.14 19.08 -10.04
CA ARG A 439 -3.86 19.01 -10.73
C ARG A 439 -3.81 17.80 -11.65
N ILE A 440 -2.83 17.80 -12.54
CA ILE A 440 -2.58 16.64 -13.39
C ILE A 440 -1.99 15.54 -12.53
N MET A 441 -2.57 14.37 -12.59
CA MET A 441 -2.13 13.39 -11.63
C MET A 441 -1.08 12.45 -12.22
N PRO A 442 -0.27 11.83 -11.37
CA PRO A 442 0.69 10.84 -11.86
C PRO A 442 -0.01 9.76 -12.66
N GLY A 443 0.68 9.25 -13.67
CA GLY A 443 0.11 8.31 -14.61
C GLY A 443 -0.42 8.97 -15.86
N SER A 444 -0.59 10.29 -15.84
CA SER A 444 -1.00 11.00 -17.04
C SER A 444 0.10 10.93 -18.08
N ILE A 445 -0.28 11.05 -19.34
CA ILE A 445 0.65 10.98 -20.45
C ILE A 445 0.77 12.37 -21.05
N LEU A 446 1.99 12.90 -21.05
CA LEU A 446 2.25 14.26 -21.49
C LEU A 446 3.36 14.27 -22.53
N VAL A 447 3.50 15.41 -23.19
CA VAL A 447 4.51 15.62 -24.21
C VAL A 447 5.18 16.96 -23.95
N SER A 448 6.51 16.99 -24.09
CA SER A 448 7.29 18.15 -23.69
C SER A 448 7.59 19.04 -24.88
N GLY A 449 8.42 20.07 -24.65
CA GLY A 449 8.75 21.01 -25.71
C GLY A 449 9.46 20.35 -26.88
N GLU A 450 10.34 19.40 -26.59
CA GLU A 450 11.02 18.69 -27.67
C GLU A 450 10.08 17.73 -28.40
N GLY A 451 8.86 17.57 -27.91
CA GLY A 451 7.95 16.60 -28.47
C GLY A 451 8.08 15.20 -27.94
N LYS A 452 8.93 15.00 -26.94
CA LYS A 452 9.11 13.69 -26.34
C LYS A 452 7.90 13.32 -25.49
N LEU A 453 7.52 12.05 -25.55
CA LEU A 453 6.36 11.54 -24.85
C LEU A 453 6.80 10.89 -23.54
N PHE A 454 6.15 11.24 -22.45
CA PHE A 454 6.49 10.67 -21.16
C PHE A 454 5.24 10.46 -20.32
N THR A 455 5.39 9.67 -19.26
CA THR A 455 4.34 9.39 -18.30
C THR A 455 4.65 10.14 -17.02
N LEU A 456 3.79 11.07 -16.64
CA LEU A 456 4.03 11.89 -15.47
C LEU A 456 4.13 11.02 -14.22
N SER A 457 5.27 11.07 -13.56
CA SER A 457 5.49 10.34 -12.32
C SER A 457 5.37 11.22 -11.09
N ARG A 458 5.95 12.42 -11.13
CA ARG A 458 5.87 13.36 -10.01
C ARG A 458 5.64 14.77 -10.54
N SER A 459 4.94 15.56 -9.74
CA SER A 459 4.89 17.01 -9.93
C SER A 459 5.70 17.66 -8.83
N GLU A 460 6.74 18.39 -9.20
CA GLU A 460 7.68 18.92 -8.22
C GLU A 460 7.80 20.42 -8.37
N GLY A 461 7.65 21.13 -7.26
CA GLY A 461 7.88 22.55 -7.26
C GLY A 461 6.70 23.32 -7.80
N ARG A 462 6.28 24.37 -7.11
CA ARG A 462 5.19 25.20 -7.57
C ARG A 462 5.56 26.65 -7.35
N ASN A 463 5.20 27.51 -8.32
CA ASN A 463 5.45 28.94 -8.22
C ASN A 463 4.28 29.68 -8.87
N LYS A 464 3.62 30.53 -8.08
CA LYS A 464 2.55 31.39 -8.58
C LYS A 464 1.43 30.59 -9.25
N GLY A 465 1.12 29.43 -8.69
CA GLY A 465 0.01 28.64 -9.15
C GLY A 465 0.30 27.74 -10.34
N GLN A 466 1.55 27.58 -10.74
CA GLN A 466 1.89 26.72 -11.84
C GLN A 466 3.02 25.78 -11.43
N VAL A 467 2.85 24.50 -11.75
CA VAL A 467 3.89 23.51 -11.46
C VAL A 467 5.20 23.95 -12.07
N ASN A 468 6.31 23.64 -11.41
CA ASN A 468 7.61 23.98 -11.96
C ASN A 468 8.16 22.84 -12.80
N TYR A 469 8.10 21.62 -12.29
CA TYR A 469 8.76 20.49 -12.94
C TYR A 469 7.81 19.30 -13.01
N PHE A 470 7.83 18.64 -14.15
CA PHE A 470 7.19 17.34 -14.34
C PHE A 470 8.28 16.29 -14.42
N VAL A 471 8.24 15.31 -13.53
CA VAL A 471 9.23 14.25 -13.48
C VAL A 471 8.61 12.99 -14.07
N SER A 472 9.17 12.53 -15.18
CA SER A 472 8.69 11.33 -15.84
C SER A 472 9.09 10.09 -15.04
N THR A 473 8.61 8.93 -15.51
CA THR A 473 8.93 7.68 -14.83
C THR A 473 10.42 7.37 -14.95
N GLU A 474 11.11 7.96 -15.92
CA GLU A 474 12.54 7.73 -16.06
C GLU A 474 13.36 8.67 -15.20
N GLY A 475 12.73 9.58 -14.47
CA GLY A 475 13.43 10.51 -13.62
C GLY A 475 13.85 11.80 -14.30
N ILE A 476 13.66 11.91 -15.61
CA ILE A 476 13.98 13.16 -16.30
C ILE A 476 13.01 14.24 -15.84
N LYS A 477 13.51 15.47 -15.75
CA LYS A 477 12.71 16.59 -15.28
C LYS A 477 12.46 17.55 -16.44
N TYR A 478 11.19 17.90 -16.65
CA TYR A 478 10.78 18.74 -17.76
C TYR A 478 10.11 19.99 -17.23
N TRP A 479 10.43 21.14 -17.84
CA TRP A 479 9.83 22.39 -17.44
C TRP A 479 8.33 22.34 -17.70
N ALA A 480 7.54 22.64 -16.67
CA ALA A 480 6.13 22.32 -16.70
C ALA A 480 5.35 23.21 -17.66
N ARG A 481 5.78 24.46 -17.84
CA ARG A 481 5.03 25.38 -18.68
C ARG A 481 5.06 24.96 -20.14
N LYS A 482 6.12 24.27 -20.57
CA LYS A 482 6.31 23.93 -21.97
C LYS A 482 5.86 22.51 -22.30
N CYS A 483 5.13 21.87 -21.40
CA CYS A 483 4.64 20.52 -21.62
C CYS A 483 3.16 20.55 -21.93
N GLN A 484 2.73 19.69 -22.84
CA GLN A 484 1.35 19.63 -23.28
C GLN A 484 0.68 18.39 -22.70
N TYR A 485 -0.60 18.55 -22.38
CA TYR A 485 -1.38 17.50 -21.71
C TYR A 485 -2.09 16.65 -22.76
N LEU A 486 -1.71 15.38 -22.85
CA LEU A 486 -2.29 14.48 -23.85
C LEU A 486 -3.36 13.56 -23.29
N ARG A 487 -3.04 12.74 -22.30
CA ARG A 487 -3.98 11.73 -21.83
C ARG A 487 -4.04 11.72 -20.31
N ASN A 488 -5.22 11.41 -19.79
CA ASN A 488 -5.48 11.42 -18.36
C ASN A 488 -4.89 10.17 -17.73
N ASN A 489 -5.07 10.03 -16.42
CA ASN A 489 -4.53 8.89 -15.68
C ASN A 489 -5.13 7.59 -16.19
N GLY A 490 -4.26 6.69 -16.66
CA GLY A 490 -4.62 5.31 -16.88
C GLY A 490 -4.30 4.52 -15.63
N GLY A 491 -5.23 3.64 -15.25
CA GLY A 491 -5.10 2.97 -13.96
C GLY A 491 -3.81 2.21 -13.83
N LEU A 492 -3.45 1.44 -14.85
CA LEU A 492 -2.17 0.77 -14.94
C LEU A 492 -1.44 1.28 -16.17
N GLN A 493 -0.21 1.74 -15.97
CA GLN A 493 0.56 2.37 -17.05
C GLN A 493 1.76 1.49 -17.37
N ILE A 494 1.88 1.13 -18.65
CA ILE A 494 3.06 0.41 -19.12
C ILE A 494 4.24 1.38 -19.16
N TYR A 495 5.39 0.94 -18.67
CA TYR A 495 6.59 1.74 -18.77
C TYR A 495 7.40 1.31 -19.98
MG MG E . 4.04 5.65 23.39
MG MG F . 5.95 -17.99 -7.38
ZN ZN G . 5.68 5.00 37.58
#